data_2WJS
#
_entry.id   2WJS
#
_cell.length_a   138.829
_cell.length_b   138.829
_cell.length_c   73.895
_cell.angle_alpha   90.00
_cell.angle_beta   90.00
_cell.angle_gamma   120.00
#
_symmetry.space_group_name_H-M   'P 65'
#
loop_
_entity.id
_entity.type
_entity.pdbx_description
1 polymer 'LAMININ SUBUNIT ALPHA-2'
2 non-polymer 2-acetamido-2-deoxy-beta-D-glucopyranose
3 non-polymer 'CALCIUM ION'
4 water water
#
_entity_poly.entity_id   1
_entity_poly.type   'polypeptide(L)'
_entity_poly.pdbx_seq_one_letter_code
;APLAQANSIKVSVSSGGDCVRTYRPEIKKGSYNNIVVHVKTAVADNLLFYLGSAKFIDFLAIEMRKGKVSFLWDVGSGVG
RVEYPDLTIDDSYWYRIEASRTGRNGSISVRALDGPKASMVPSTYHSVSPPGYTILDVDANAMLFVGGLTGKIKKADAVR
VITFTGCMGETYFDNKPIGLWNFREKEGDCKGCTVSPQVEDSEGTIQFDGEGYALVSRPIRWYPNISTVMFKFRTFSSSA
LLMYLATRDLKDFMSVELSDGHVKVSYDLGSGMTSVVSNQNHNDGKWKAFTLSRIQKQANISIVDIDSNQEENVATSSSG
NNFGLDLKADDKIYFGGLPTLRNLRPEVNVKKYSGCLKDIEISRTPYNILSSPDYVGVTKGCSLENVYTVSFPKPGFVEL
AAVSIDVGTEINLSFSTRNESGIILLGSGGGQAYYAIFLNKGRLEVHLSSGTRTMRKIVIKPEPNRFHDGREHSVHVERT
RGIFTVQIDEDRRHMQNLTEEQPIEVKKLFVGGAPPEFQPSPLRNIPAFQGCVWNLVINSIPMDFAQPIAFKNADIGRCT
YQKPREDESEAVPAEVIVQPQPVPTPAFPFPAPTMVHGPAAAHHHHHH
;
_entity_poly.pdbx_strand_id   A
#
# COMPACT_ATOMS: atom_id res chain seq x y z
N VAL A 11 24.02 -4.38 -11.87
CA VAL A 11 24.95 -4.26 -10.71
C VAL A 11 26.22 -5.09 -10.89
N SER A 12 27.38 -4.49 -10.63
CA SER A 12 28.68 -5.17 -10.75
C SER A 12 29.69 -4.53 -9.78
N VAL A 13 30.23 -5.32 -8.84
CA VAL A 13 31.20 -4.82 -7.84
C VAL A 13 32.69 -4.81 -8.18
N SER A 14 33.48 -5.10 -7.14
CA SER A 14 34.94 -5.14 -7.20
C SER A 14 35.51 -3.96 -7.96
N CYS A 19 38.46 -6.45 -10.74
CA CYS A 19 37.49 -6.65 -11.82
C CYS A 19 37.29 -5.40 -12.70
N VAL A 20 37.67 -5.52 -13.97
CA VAL A 20 37.49 -4.44 -14.94
C VAL A 20 36.82 -5.05 -16.17
N ARG A 21 35.82 -4.34 -16.70
CA ARG A 21 35.07 -4.81 -17.85
C ARG A 21 35.37 -3.99 -19.10
N THR A 22 36.10 -4.60 -20.03
CA THR A 22 36.47 -3.95 -21.27
C THR A 22 35.49 -4.35 -22.38
N TYR A 23 35.24 -3.41 -23.31
CA TYR A 23 34.34 -3.65 -24.44
C TYR A 23 34.93 -3.03 -25.69
N ARG A 24 34.43 -3.42 -26.86
CA ARG A 24 34.90 -2.85 -28.12
C ARG A 24 33.78 -1.97 -28.66
N PRO A 25 33.90 -0.65 -28.52
CA PRO A 25 32.89 0.30 -29.00
C PRO A 25 32.60 0.30 -30.50
N GLU A 26 31.49 0.94 -30.85
CA GLU A 26 31.07 1.09 -32.23
C GLU A 26 30.75 2.56 -32.37
N ILE A 27 31.69 3.32 -32.94
CA ILE A 27 31.49 4.76 -33.13
C ILE A 27 30.76 5.01 -34.43
N LYS A 28 29.63 5.71 -34.34
CA LYS A 28 28.82 6.02 -35.50
C LYS A 28 29.19 7.37 -36.09
N LYS A 29 29.22 8.40 -35.23
CA LYS A 29 29.57 9.75 -35.67
C LYS A 29 30.87 10.25 -35.00
N GLY A 30 31.91 10.42 -35.79
CA GLY A 30 33.18 10.87 -35.26
C GLY A 30 33.18 12.25 -34.62
N SER A 31 32.09 12.99 -34.83
CA SER A 31 31.98 14.32 -34.27
C SER A 31 31.08 14.36 -33.04
N TYR A 32 30.41 13.24 -32.77
CA TYR A 32 29.48 13.18 -31.65
C TYR A 32 29.61 11.95 -30.75
N ASN A 33 29.52 12.21 -29.45
CA ASN A 33 29.59 11.14 -28.46
C ASN A 33 28.54 11.32 -27.38
N ASN A 34 28.05 10.21 -26.87
CA ASN A 34 27.09 10.22 -25.78
C ASN A 34 27.35 9.00 -24.92
N ILE A 35 27.55 9.23 -23.64
CA ILE A 35 27.80 8.14 -22.71
C ILE A 35 26.94 8.30 -21.47
N VAL A 36 26.30 7.20 -21.05
CA VAL A 36 25.45 7.20 -19.86
C VAL A 36 25.91 6.13 -18.88
N VAL A 37 26.18 6.53 -17.64
CA VAL A 37 26.59 5.56 -16.64
C VAL A 37 25.82 5.73 -15.34
N HIS A 38 25.55 4.61 -14.71
CA HIS A 38 24.86 4.57 -13.43
C HIS A 38 25.93 4.10 -12.44
N VAL A 39 26.18 4.91 -11.42
CA VAL A 39 27.21 4.55 -10.45
C VAL A 39 26.76 4.73 -9.01
N LYS A 40 27.38 3.95 -8.12
CA LYS A 40 27.08 4.01 -6.69
C LYS A 40 28.34 3.67 -5.89
N THR A 41 28.90 4.65 -5.19
CA THR A 41 30.11 4.42 -4.39
C THR A 41 30.21 5.37 -3.22
N ALA A 42 31.13 5.05 -2.32
CA ALA A 42 31.39 5.85 -1.14
C ALA A 42 32.81 6.39 -1.25
N VAL A 43 33.47 6.05 -2.35
CA VAL A 43 34.84 6.48 -2.60
C VAL A 43 34.81 7.79 -3.35
N ALA A 44 35.64 8.74 -2.94
CA ALA A 44 35.66 10.06 -3.57
C ALA A 44 36.34 10.13 -4.92
N ASP A 45 37.24 9.19 -5.20
CA ASP A 45 37.96 9.19 -6.46
C ASP A 45 37.83 7.84 -7.17
N ASN A 46 37.41 7.89 -8.42
CA ASN A 46 37.26 6.67 -9.22
C ASN A 46 37.31 6.99 -10.69
N LEU A 47 37.58 5.96 -11.49
CA LEU A 47 37.58 6.08 -12.94
C LEU A 47 36.30 5.33 -13.27
N LEU A 48 35.30 6.04 -13.79
CA LEU A 48 34.00 5.44 -14.11
C LEU A 48 33.86 4.89 -15.53
N PHE A 49 34.36 5.66 -16.49
CA PHE A 49 34.28 5.28 -17.90
C PHE A 49 35.57 5.71 -18.59
N TYR A 50 36.00 4.93 -19.57
CA TYR A 50 37.21 5.26 -20.32
C TYR A 50 37.16 4.69 -21.73
N LEU A 51 37.62 5.48 -22.69
CA LEU A 51 37.62 5.02 -24.07
C LEU A 51 38.91 5.51 -24.72
N GLY A 52 39.66 4.58 -25.30
CA GLY A 52 40.89 4.97 -25.94
C GLY A 52 41.37 3.85 -26.83
N SER A 53 42.53 4.03 -27.46
CA SER A 53 43.09 3.02 -28.34
C SER A 53 44.61 3.02 -28.24
N ALA A 54 45.23 2.05 -28.90
CA ALA A 54 46.69 1.94 -28.89
C ALA A 54 47.31 2.96 -29.84
N LYS A 55 46.69 3.13 -31.02
CA LYS A 55 47.23 4.04 -32.03
C LYS A 55 47.05 5.54 -31.79
N PHE A 56 46.02 5.93 -31.03
CA PHE A 56 45.80 7.36 -30.81
C PHE A 56 45.77 7.80 -29.35
N ILE A 57 46.05 9.09 -29.14
CA ILE A 57 46.03 9.67 -27.80
C ILE A 57 44.56 9.94 -27.44
N ASP A 58 43.75 10.15 -28.46
CA ASP A 58 42.32 10.43 -28.28
C ASP A 58 41.72 9.51 -27.21
N PHE A 59 40.80 10.06 -26.42
CA PHE A 59 40.17 9.27 -25.37
C PHE A 59 38.95 9.96 -24.79
N LEU A 60 38.06 9.16 -24.20
CA LEU A 60 36.87 9.69 -23.54
C LEU A 60 36.98 9.19 -22.12
N ALA A 61 36.50 9.96 -21.15
CA ALA A 61 36.58 9.53 -19.76
C ALA A 61 35.62 10.22 -18.79
N ILE A 62 35.02 9.42 -17.91
CA ILE A 62 34.12 9.92 -16.88
C ILE A 62 34.76 9.50 -15.57
N GLU A 63 35.08 10.48 -14.73
CA GLU A 63 35.70 10.18 -13.45
C GLU A 63 35.20 11.09 -12.36
N MET A 64 35.63 10.80 -11.12
CA MET A 64 35.25 11.58 -9.95
C MET A 64 36.49 12.07 -9.22
N ARG A 65 36.41 13.27 -8.68
CA ARG A 65 37.50 13.85 -7.91
C ARG A 65 36.84 14.54 -6.73
N LYS A 66 37.20 14.12 -5.52
CA LYS A 66 36.61 14.70 -4.33
C LYS A 66 35.08 14.66 -4.40
N GLY A 67 34.56 13.55 -4.91
CA GLY A 67 33.12 13.36 -5.00
C GLY A 67 32.40 13.99 -6.17
N LYS A 68 33.13 14.72 -7.02
CA LYS A 68 32.50 15.36 -8.16
C LYS A 68 32.79 14.67 -9.50
N VAL A 69 31.74 14.49 -10.30
CA VAL A 69 31.84 13.85 -11.60
C VAL A 69 32.33 14.82 -12.67
N SER A 70 33.38 14.42 -13.38
CA SER A 70 33.96 15.24 -14.43
C SER A 70 34.01 14.46 -15.74
N PHE A 71 33.73 15.16 -16.83
CA PHE A 71 33.82 14.55 -18.15
C PHE A 71 35.03 15.15 -18.85
N LEU A 72 35.99 14.31 -19.24
CA LEU A 72 37.13 14.84 -19.95
C LEU A 72 37.37 14.07 -21.24
N TRP A 73 38.06 14.70 -22.18
CA TRP A 73 38.31 14.10 -23.48
C TRP A 73 39.44 14.81 -24.22
N ASP A 74 39.91 14.19 -25.30
CA ASP A 74 40.95 14.77 -26.13
C ASP A 74 40.73 14.18 -27.52
N VAL A 75 40.34 15.03 -28.47
CA VAL A 75 40.10 14.55 -29.82
C VAL A 75 41.31 14.83 -30.73
N GLY A 76 42.48 14.98 -30.12
CA GLY A 76 43.68 15.22 -30.88
C GLY A 76 44.32 16.59 -30.75
N SER A 77 43.71 17.50 -30.01
CA SER A 77 44.28 18.84 -29.87
C SER A 77 44.43 19.30 -28.44
N GLY A 78 44.26 18.39 -27.49
CA GLY A 78 44.37 18.78 -26.10
C GLY A 78 43.13 18.36 -25.34
N VAL A 79 43.28 18.28 -24.02
CA VAL A 79 42.22 17.87 -23.12
C VAL A 79 41.12 18.88 -22.85
N GLY A 80 39.90 18.37 -22.82
CA GLY A 80 38.74 19.19 -22.51
C GLY A 80 38.15 18.60 -21.23
N ARG A 81 37.73 19.44 -20.29
CA ARG A 81 37.15 18.95 -19.05
C ARG A 81 35.99 19.79 -18.55
N VAL A 82 34.89 19.13 -18.20
CA VAL A 82 33.74 19.82 -17.64
C VAL A 82 33.26 19.07 -16.39
N GLU A 83 33.32 19.74 -15.26
CA GLU A 83 32.91 19.16 -13.98
C GLU A 83 31.49 19.60 -13.60
N TYR A 84 30.77 18.72 -12.91
CA TYR A 84 29.41 19.00 -12.44
C TYR A 84 29.56 19.51 -11.01
N PRO A 85 29.36 20.82 -10.79
CA PRO A 85 29.48 21.41 -9.45
C PRO A 85 28.29 21.23 -8.49
N ASP A 86 27.10 21.14 -9.04
CA ASP A 86 25.90 21.02 -8.22
C ASP A 86 25.89 19.86 -7.23
N LEU A 87 26.50 18.75 -7.62
CA LEU A 87 26.48 17.58 -6.77
C LEU A 87 27.80 16.91 -6.50
N THR A 88 27.73 16.01 -5.52
CA THR A 88 28.82 15.17 -5.08
C THR A 88 28.06 13.83 -5.02
N ILE A 89 28.63 12.77 -5.57
CA ILE A 89 27.90 11.50 -5.57
C ILE A 89 28.48 10.35 -4.75
N ASP A 90 29.48 10.64 -3.92
CA ASP A 90 30.09 9.59 -3.13
C ASP A 90 29.43 9.35 -1.77
N ASP A 91 28.11 9.16 -1.77
CA ASP A 91 27.37 8.91 -0.53
C ASP A 91 26.58 7.61 -0.63
N SER A 92 26.93 6.80 -1.63
CA SER A 92 26.33 5.50 -1.87
C SER A 92 24.94 5.40 -2.47
N TYR A 93 24.38 6.51 -2.96
CA TYR A 93 23.06 6.45 -3.60
C TYR A 93 23.34 6.23 -5.08
N TRP A 94 22.34 5.76 -5.82
CA TRP A 94 22.50 5.52 -7.25
C TRP A 94 22.40 6.80 -8.06
N TYR A 95 23.38 7.04 -8.95
CA TYR A 95 23.36 8.22 -9.80
C TYR A 95 23.42 7.89 -11.29
N ARG A 96 22.83 8.78 -12.09
CA ARG A 96 22.82 8.63 -13.53
C ARG A 96 23.67 9.77 -14.09
N ILE A 97 24.87 9.43 -14.55
CA ILE A 97 25.81 10.40 -15.09
C ILE A 97 25.78 10.32 -16.60
N GLU A 98 25.45 11.43 -17.25
CA GLU A 98 25.38 11.47 -18.70
C GLU A 98 26.25 12.56 -19.29
N ALA A 99 27.19 12.15 -20.14
CA ALA A 99 28.11 13.07 -20.80
C ALA A 99 27.97 12.91 -22.31
N SER A 100 28.28 13.97 -23.04
CA SER A 100 28.20 13.89 -24.49
C SER A 100 29.16 14.89 -25.13
N ARG A 101 29.53 14.62 -26.38
CA ARG A 101 30.45 15.47 -27.12
C ARG A 101 29.93 15.88 -28.50
N THR A 102 30.18 17.14 -28.86
CA THR A 102 29.84 17.65 -30.18
C THR A 102 31.12 18.38 -30.60
N GLY A 103 31.97 17.69 -31.35
CA GLY A 103 33.22 18.31 -31.76
C GLY A 103 34.04 18.52 -30.50
N ARG A 104 34.50 19.74 -30.25
CA ARG A 104 35.28 20.00 -29.06
C ARG A 104 34.44 20.45 -27.87
N ASN A 105 33.12 20.34 -28.01
CA ASN A 105 32.19 20.74 -26.96
C ASN A 105 31.66 19.55 -26.14
N GLY A 106 31.98 19.55 -24.85
CA GLY A 106 31.53 18.48 -23.97
C GLY A 106 30.59 18.94 -22.87
N SER A 107 29.60 18.11 -22.57
CA SER A 107 28.62 18.43 -21.53
C SER A 107 28.60 17.35 -20.46
N ILE A 108 28.20 17.74 -19.26
CA ILE A 108 28.11 16.82 -18.16
C ILE A 108 26.82 17.12 -17.38
N SER A 109 26.12 16.06 -16.98
CA SER A 109 24.88 16.18 -16.23
C SER A 109 24.70 14.99 -15.30
N VAL A 110 24.40 15.27 -14.04
CA VAL A 110 24.21 14.19 -13.08
C VAL A 110 22.84 14.26 -12.43
N ARG A 111 22.20 13.09 -12.34
CA ARG A 111 20.89 12.95 -11.73
C ARG A 111 20.90 11.83 -10.68
N ALA A 112 20.53 12.17 -9.44
CA ALA A 112 20.47 11.19 -8.35
C ALA A 112 19.15 10.45 -8.47
N LEU A 113 19.22 9.11 -8.48
CA LEU A 113 18.00 8.30 -8.60
C LEU A 113 17.24 8.20 -7.30
N ASP A 114 17.95 8.32 -6.18
CA ASP A 114 17.29 8.24 -4.89
C ASP A 114 18.08 9.03 -3.86
N GLY A 115 17.43 9.33 -2.74
CA GLY A 115 18.11 10.08 -1.71
C GLY A 115 17.60 11.50 -1.62
N PRO A 116 18.18 12.31 -0.72
CA PRO A 116 17.81 13.70 -0.51
C PRO A 116 18.15 14.60 -1.69
N LYS A 117 18.89 14.06 -2.65
CA LYS A 117 19.31 14.80 -3.83
C LYS A 117 18.45 14.44 -5.05
N ALA A 118 17.71 13.35 -4.94
CA ALA A 118 16.84 12.88 -6.01
C ALA A 118 15.71 13.84 -6.37
N SER A 119 15.47 14.81 -5.50
CA SER A 119 14.42 15.79 -5.73
C SER A 119 14.99 17.02 -6.41
N MET A 120 16.27 16.98 -6.73
CA MET A 120 16.90 18.11 -7.37
C MET A 120 16.64 18.13 -8.86
N VAL A 121 16.81 19.30 -9.46
CA VAL A 121 16.62 19.48 -10.90
C VAL A 121 17.98 19.40 -11.60
N PRO A 122 18.30 18.23 -12.19
CA PRO A 122 19.59 18.07 -12.88
C PRO A 122 19.86 19.15 -13.92
N SER A 123 20.98 19.85 -13.78
CA SER A 123 21.36 20.89 -14.72
C SER A 123 22.39 20.33 -15.73
N THR A 124 22.90 21.17 -16.62
CA THR A 124 23.90 20.70 -17.61
C THR A 124 25.03 21.70 -17.87
N TYR A 125 26.24 21.37 -17.46
CA TYR A 125 27.37 22.27 -17.70
C TYR A 125 28.21 21.82 -18.90
N HIS A 126 28.75 22.81 -19.62
CA HIS A 126 29.56 22.56 -20.81
C HIS A 126 30.95 23.15 -20.70
N SER A 127 31.86 22.63 -21.50
CA SER A 127 33.23 23.14 -21.55
C SER A 127 33.74 22.74 -22.91
N VAL A 128 34.96 23.17 -23.23
CA VAL A 128 35.51 22.85 -24.54
C VAL A 128 37.02 22.57 -24.54
N SER A 129 37.46 21.76 -25.48
CA SER A 129 38.87 21.43 -25.59
C SER A 129 39.49 22.39 -26.58
N PRO A 130 40.83 22.54 -26.56
CA PRO A 130 41.56 23.44 -27.46
C PRO A 130 41.12 23.36 -28.93
N PRO A 131 41.13 24.49 -29.64
CA PRO A 131 40.73 24.46 -31.05
C PRO A 131 41.66 23.59 -31.89
N GLY A 132 41.12 23.02 -32.95
CA GLY A 132 41.90 22.17 -33.83
C GLY A 132 41.10 20.95 -34.24
N TYR A 133 41.59 19.77 -33.86
CA TYR A 133 40.93 18.50 -34.17
C TYR A 133 39.53 18.50 -33.58
N THR A 134 38.70 17.60 -34.10
CA THR A 134 37.32 17.56 -33.69
C THR A 134 36.73 16.15 -33.69
N ILE A 135 37.46 15.23 -34.32
CA ILE A 135 37.03 13.85 -34.45
C ILE A 135 37.63 12.94 -33.38
N LEU A 136 36.84 12.00 -32.87
CA LEU A 136 37.35 11.09 -31.87
C LEU A 136 38.01 9.95 -32.63
N ASP A 137 39.33 10.04 -32.75
CA ASP A 137 40.09 9.01 -33.47
C ASP A 137 40.28 7.72 -32.70
N VAL A 138 40.13 6.62 -33.41
CA VAL A 138 40.28 5.31 -32.80
C VAL A 138 40.69 4.30 -33.88
N ASP A 139 41.47 3.30 -33.51
CA ASP A 139 41.89 2.28 -34.47
C ASP A 139 40.91 1.12 -34.47
N ALA A 140 41.33 -0.03 -35.00
CA ALA A 140 40.45 -1.19 -35.04
C ALA A 140 40.12 -1.72 -33.65
N ASN A 141 41.16 -2.13 -32.91
CA ASN A 141 40.96 -2.66 -31.55
C ASN A 141 40.77 -1.59 -30.48
N ALA A 142 39.65 -0.87 -30.55
CA ALA A 142 39.34 0.18 -29.58
C ALA A 142 39.02 -0.47 -28.24
N MET A 143 39.06 0.31 -27.17
CA MET A 143 38.79 -0.23 -25.84
C MET A 143 37.95 0.70 -24.97
N LEU A 144 36.83 0.18 -24.49
CA LEU A 144 35.89 0.93 -23.63
C LEU A 144 35.82 0.19 -22.29
N PHE A 145 36.37 0.80 -21.25
CA PHE A 145 36.36 0.19 -19.92
C PHE A 145 35.32 0.82 -19.01
N VAL A 146 34.67 0.00 -18.19
CA VAL A 146 33.67 0.50 -17.25
C VAL A 146 34.08 0.15 -15.81
N GLY A 147 34.19 1.19 -14.98
CA GLY A 147 34.57 1.00 -13.60
C GLY A 147 35.99 0.50 -13.42
N GLY A 148 36.96 1.28 -13.87
CA GLY A 148 38.35 0.87 -13.73
C GLY A 148 39.12 0.84 -15.03
N LEU A 149 40.34 0.32 -14.98
CA LEU A 149 41.13 0.25 -16.19
C LEU A 149 42.06 -0.97 -16.24
N THR A 150 42.24 -1.49 -17.45
CA THR A 150 43.10 -2.64 -17.72
C THR A 150 44.47 -2.15 -18.22
N GLY A 151 45.53 -2.87 -17.83
CA GLY A 151 46.86 -2.47 -18.24
C GLY A 151 47.15 -2.61 -19.73
N LYS A 152 46.14 -3.04 -20.49
CA LYS A 152 46.29 -3.21 -21.94
C LYS A 152 46.37 -1.87 -22.64
N ILE A 153 45.99 -0.82 -21.93
CA ILE A 153 45.99 0.54 -22.46
C ILE A 153 46.65 1.50 -21.46
N LYS A 154 47.30 2.54 -21.97
CA LYS A 154 47.93 3.51 -21.10
C LYS A 154 46.96 4.69 -20.96
N LYS A 155 46.55 4.95 -19.74
CA LYS A 155 45.61 6.02 -19.46
C LYS A 155 46.22 7.35 -19.86
N ALA A 156 45.38 8.31 -20.22
CA ALA A 156 45.86 9.63 -20.59
C ALA A 156 46.38 10.24 -19.29
N ASP A 157 47.41 11.06 -19.39
CA ASP A 157 47.99 11.69 -18.21
C ASP A 157 46.93 12.46 -17.43
N ALA A 158 46.04 13.15 -18.13
CA ALA A 158 45.00 13.93 -17.47
C ALA A 158 44.16 13.12 -16.47
N VAL A 159 44.05 11.82 -16.70
CA VAL A 159 43.30 10.96 -15.79
C VAL A 159 44.26 10.54 -14.68
N ARG A 160 43.95 10.94 -13.44
CA ARG A 160 44.84 10.65 -12.31
C ARG A 160 44.59 9.37 -11.50
N VAL A 161 43.35 8.87 -11.50
CA VAL A 161 43.02 7.64 -10.76
C VAL A 161 42.41 6.62 -11.72
N ILE A 162 42.88 5.38 -11.67
CA ILE A 162 42.35 4.38 -12.58
C ILE A 162 41.60 3.24 -11.92
N THR A 163 41.22 3.40 -10.66
CA THR A 163 40.48 2.34 -9.98
C THR A 163 39.04 2.77 -9.74
N PHE A 164 38.22 1.84 -9.30
CA PHE A 164 36.82 2.12 -9.01
C PHE A 164 36.33 1.25 -7.85
N THR A 165 35.87 1.87 -6.78
CA THR A 165 35.39 1.11 -5.64
C THR A 165 33.89 1.32 -5.42
N GLY A 166 33.10 0.35 -5.85
CA GLY A 166 31.65 0.48 -5.69
C GLY A 166 30.85 -0.47 -6.54
N CYS A 167 29.87 0.07 -7.25
CA CYS A 167 29.02 -0.73 -8.12
C CYS A 167 28.54 0.07 -9.33
N MET A 168 28.62 -0.54 -10.52
CA MET A 168 28.19 0.14 -11.77
C MET A 168 26.81 -0.31 -12.26
N GLY A 169 26.14 0.58 -12.98
CA GLY A 169 24.82 0.26 -13.52
C GLY A 169 24.81 0.17 -15.04
N GLU A 170 23.61 0.03 -15.61
CA GLU A 170 23.46 -0.07 -17.06
C GLU A 170 24.27 1.03 -17.77
N THR A 171 25.10 0.64 -18.73
CA THR A 171 25.92 1.62 -19.46
C THR A 171 25.42 1.78 -20.89
N TYR A 172 25.31 3.03 -21.35
CA TYR A 172 24.88 3.32 -22.71
C TYR A 172 25.94 4.15 -23.43
N PHE A 173 26.36 3.68 -24.61
CA PHE A 173 27.34 4.41 -25.39
C PHE A 173 26.80 4.61 -26.79
N ASP A 174 26.68 5.88 -27.20
CA ASP A 174 26.16 6.21 -28.51
C ASP A 174 24.73 5.72 -28.60
N ASN A 175 23.93 6.15 -27.63
CA ASN A 175 22.52 5.79 -27.56
C ASN A 175 22.21 4.31 -27.68
N LYS A 176 23.17 3.46 -27.34
CA LYS A 176 22.96 2.00 -27.42
C LYS A 176 23.48 1.27 -26.17
N PRO A 177 22.80 0.18 -25.77
CA PRO A 177 23.20 -0.60 -24.59
C PRO A 177 24.52 -1.34 -24.79
N ILE A 178 25.12 -1.75 -23.68
CA ILE A 178 26.38 -2.47 -23.70
C ILE A 178 26.37 -3.72 -22.82
N PHE A 183 30.91 -8.27 -22.61
CA PHE A 183 32.29 -7.97 -22.23
C PHE A 183 33.26 -8.75 -23.10
N ARG A 184 34.05 -8.04 -23.90
CA ARG A 184 35.05 -8.66 -24.78
C ARG A 184 36.10 -9.35 -23.91
N GLU A 185 36.41 -8.73 -22.78
CA GLU A 185 37.39 -9.27 -21.84
C GLU A 185 37.06 -8.79 -20.43
N LYS A 186 37.00 -9.74 -19.49
CA LYS A 186 36.70 -9.41 -18.10
C LYS A 186 37.87 -9.84 -17.21
N GLU A 187 38.71 -8.88 -16.83
CA GLU A 187 39.84 -9.17 -15.98
C GLU A 187 39.41 -9.09 -14.51
N GLY A 188 39.84 -10.08 -13.72
CA GLY A 188 39.50 -10.10 -12.31
C GLY A 188 38.30 -10.97 -11.96
N ASP A 189 37.96 -11.01 -10.68
CA ASP A 189 36.84 -11.79 -10.17
C ASP A 189 35.63 -10.86 -10.03
N CYS A 190 34.76 -10.87 -11.04
CA CYS A 190 33.57 -10.01 -11.05
C CYS A 190 32.34 -10.69 -10.45
N LYS A 191 31.40 -9.86 -9.99
CA LYS A 191 30.15 -10.33 -9.40
C LYS A 191 29.20 -9.14 -9.21
N GLY A 192 27.93 -9.42 -8.94
CA GLY A 192 26.95 -8.37 -8.75
C GLY A 192 27.05 -7.65 -7.41
N CYS A 193 26.03 -6.87 -7.07
CA CYS A 193 26.03 -6.14 -5.80
C CYS A 193 24.72 -6.36 -5.04
N SER A 202 6.47 1.15 -0.65
CA SER A 202 5.96 1.28 0.71
C SER A 202 4.60 1.95 0.75
N GLU A 203 3.77 1.61 -0.23
CA GLU A 203 2.42 2.11 -0.31
C GLU A 203 1.73 1.53 0.94
N GLY A 204 2.01 0.26 1.19
CA GLY A 204 1.47 -0.43 2.35
C GLY A 204 -0.03 -0.52 2.46
N THR A 205 -0.69 -1.07 1.44
CA THR A 205 -2.14 -1.22 1.47
C THR A 205 -2.53 -2.22 2.55
N ILE A 206 -3.42 -1.82 3.44
CA ILE A 206 -3.86 -2.68 4.53
C ILE A 206 -5.37 -2.67 4.71
N GLN A 207 -5.89 -3.76 5.26
CA GLN A 207 -7.32 -3.89 5.52
C GLN A 207 -7.57 -4.25 6.98
N PHE A 208 -8.46 -3.48 7.62
CA PHE A 208 -8.82 -3.71 9.01
C PHE A 208 -10.24 -4.28 9.02
N ASP A 209 -10.53 -5.22 9.91
CA ASP A 209 -11.88 -5.76 9.96
C ASP A 209 -12.61 -5.60 11.29
N GLY A 210 -12.53 -4.39 11.83
CA GLY A 210 -13.20 -4.08 13.08
C GLY A 210 -12.59 -4.66 14.32
N GLU A 211 -11.40 -5.22 14.22
CA GLU A 211 -10.77 -5.78 15.41
C GLU A 211 -9.27 -5.61 15.46
N GLY A 212 -8.81 -4.50 14.91
CA GLY A 212 -7.39 -4.23 14.92
C GLY A 212 -7.08 -2.76 15.11
N TYR A 213 -5.80 -2.47 15.25
CA TYR A 213 -5.32 -1.11 15.41
C TYR A 213 -3.88 -1.16 14.90
N ALA A 214 -3.18 -0.04 14.92
CA ALA A 214 -1.81 -0.03 14.46
C ALA A 214 -1.18 1.24 14.97
N LEU A 215 0.09 1.18 15.33
CA LEU A 215 0.75 2.39 15.81
C LEU A 215 1.97 2.77 14.98
N VAL A 216 2.35 4.03 15.12
CA VAL A 216 3.46 4.59 14.40
C VAL A 216 4.15 5.55 15.33
N SER A 217 5.45 5.40 15.54
CA SER A 217 6.15 6.33 16.43
C SER A 217 6.19 7.71 15.81
N ARG A 218 6.22 8.73 16.65
CA ARG A 218 6.26 10.10 16.14
C ARG A 218 7.46 10.35 15.26
N PRO A 219 7.23 10.91 14.07
CA PRO A 219 8.32 11.20 13.13
C PRO A 219 9.22 12.28 13.73
N ILE A 220 10.54 12.14 13.56
CA ILE A 220 11.48 13.13 14.09
C ILE A 220 11.20 14.49 13.45
N ARG A 221 10.70 14.45 12.22
CA ARG A 221 10.37 15.65 11.45
C ARG A 221 9.08 16.29 11.99
N TRP A 222 8.60 15.83 13.14
CA TRP A 222 7.38 16.40 13.71
C TRP A 222 7.67 17.82 14.20
N TYR A 223 6.96 18.78 13.59
CA TYR A 223 7.10 20.19 13.93
C TYR A 223 5.77 20.62 14.56
N PRO A 224 5.77 20.86 15.89
CA PRO A 224 4.64 21.27 16.72
C PRO A 224 3.60 22.25 16.19
N ASN A 225 4.01 23.30 15.51
CA ASN A 225 3.04 24.28 15.05
C ASN A 225 2.46 24.08 13.67
N ILE A 226 2.88 23.01 13.02
CA ILE A 226 2.37 22.70 11.70
C ILE A 226 2.16 21.20 11.56
N SER A 227 0.94 20.82 11.22
CA SER A 227 0.61 19.40 11.03
C SER A 227 0.37 19.13 9.56
N THR A 228 0.62 17.89 9.16
CA THR A 228 0.40 17.44 7.80
C THR A 228 0.09 15.95 7.85
N VAL A 229 -1.15 15.61 7.51
CA VAL A 229 -1.58 14.22 7.56
C VAL A 229 -2.26 13.81 6.27
N MET A 230 -1.85 12.66 5.75
CA MET A 230 -2.41 12.15 4.51
C MET A 230 -2.48 10.64 4.57
N PHE A 231 -3.47 10.12 3.90
CA PHE A 231 -3.65 8.69 3.78
C PHE A 231 -4.90 8.49 2.94
N LYS A 232 -4.95 7.37 2.25
CA LYS A 232 -6.09 7.06 1.43
C LYS A 232 -6.88 5.99 2.16
N PHE A 233 -8.19 6.07 2.11
CA PHE A 233 -9.04 5.08 2.74
C PHE A 233 -10.16 4.67 1.79
N ARG A 234 -10.74 3.52 2.07
CA ARG A 234 -11.80 2.96 1.26
C ARG A 234 -12.62 2.07 2.19
N THR A 235 -13.90 2.40 2.38
CA THR A 235 -14.71 1.64 3.32
C THR A 235 -16.22 1.68 3.07
N PHE A 236 -16.97 0.98 3.92
CA PHE A 236 -18.42 0.91 3.85
C PHE A 236 -18.91 1.33 5.23
N SER A 237 -17.96 1.47 6.16
CA SER A 237 -18.27 1.86 7.53
C SER A 237 -18.73 3.28 7.67
N SER A 238 -19.67 3.51 8.58
CA SER A 238 -20.14 4.86 8.79
C SER A 238 -19.63 5.41 10.13
N SER A 239 -19.31 4.53 11.07
CA SER A 239 -18.80 4.94 12.37
C SER A 239 -17.50 4.23 12.68
N ALA A 240 -16.37 4.94 12.60
CA ALA A 240 -15.05 4.36 12.84
C ALA A 240 -13.97 5.35 13.23
N LEU A 241 -12.85 4.83 13.71
CA LEU A 241 -11.73 5.67 14.04
C LEU A 241 -10.73 5.45 12.91
N LEU A 242 -10.21 6.54 12.34
CA LEU A 242 -9.23 6.39 11.29
C LEU A 242 -7.84 6.69 11.86
N MET A 243 -7.74 7.73 12.69
CA MET A 243 -6.46 8.08 13.29
C MET A 243 -6.64 8.85 14.58
N TYR A 244 -5.74 8.62 15.53
CA TYR A 244 -5.81 9.30 16.82
C TYR A 244 -4.43 9.46 17.43
N LEU A 245 -4.18 10.66 17.99
CA LEU A 245 -2.91 10.96 18.64
C LEU A 245 -3.20 11.89 19.79
N ALA A 246 -2.42 11.73 20.85
CA ALA A 246 -2.60 12.55 22.05
C ALA A 246 -1.37 12.51 22.95
N THR A 247 -1.26 13.53 23.80
CA THR A 247 -0.15 13.64 24.75
C THR A 247 -0.52 12.86 26.00
N ARG A 248 0.48 12.54 26.83
CA ARG A 248 0.21 11.76 28.04
C ARG A 248 -0.85 12.40 28.92
N ASP A 249 -0.98 13.73 28.86
CA ASP A 249 -1.95 14.42 29.69
C ASP A 249 -3.29 14.68 29.03
N LEU A 250 -3.40 14.37 27.73
CA LEU A 250 -4.62 14.57 26.97
C LEU A 250 -4.97 16.02 26.65
N LYS A 251 -4.17 16.96 27.13
CA LYS A 251 -4.41 18.39 26.87
C LYS A 251 -4.44 18.67 25.36
N ASP A 252 -3.52 18.03 24.63
CA ASP A 252 -3.38 18.16 23.18
C ASP A 252 -3.69 16.83 22.52
N PHE A 253 -4.47 16.83 21.45
CA PHE A 253 -4.82 15.61 20.74
C PHE A 253 -5.40 15.97 19.38
N MET A 254 -5.55 14.95 18.53
CA MET A 254 -6.13 15.09 17.21
C MET A 254 -6.70 13.74 16.84
N SER A 255 -7.84 13.75 16.15
CA SER A 255 -8.46 12.51 15.69
C SER A 255 -9.09 12.68 14.30
N VAL A 256 -9.26 11.57 13.61
CA VAL A 256 -9.87 11.57 12.29
C VAL A 256 -10.73 10.34 12.32
N GLU A 257 -12.04 10.55 12.22
CA GLU A 257 -12.96 9.43 12.26
C GLU A 257 -14.08 9.50 11.25
N LEU A 258 -14.79 8.39 11.14
CA LEU A 258 -15.93 8.26 10.26
C LEU A 258 -17.12 8.48 11.18
N SER A 259 -18.04 9.34 10.73
CA SER A 259 -19.22 9.64 11.52
C SER A 259 -20.40 9.67 10.57
N ASP A 260 -21.22 8.64 10.63
CA ASP A 260 -22.39 8.57 9.77
C ASP A 260 -21.90 8.54 8.33
N GLY A 261 -20.70 8.00 8.13
CA GLY A 261 -20.12 7.94 6.80
C GLY A 261 -19.26 9.14 6.41
N HIS A 262 -19.49 10.28 7.07
CA HIS A 262 -18.72 11.48 6.80
C HIS A 262 -17.35 11.39 7.47
N VAL A 263 -16.42 12.22 7.03
CA VAL A 263 -15.10 12.25 7.64
C VAL A 263 -15.15 13.39 8.66
N LYS A 264 -14.77 13.09 9.90
CA LYS A 264 -14.81 14.09 10.94
C LYS A 264 -13.42 14.28 11.56
N VAL A 265 -13.01 15.53 11.69
CA VAL A 265 -11.70 15.83 12.26
C VAL A 265 -11.86 16.65 13.53
N SER A 266 -11.11 16.26 14.56
CA SER A 266 -11.14 16.94 15.83
C SER A 266 -9.72 17.07 16.39
N TYR A 267 -9.42 18.22 16.99
CA TYR A 267 -8.12 18.44 17.59
C TYR A 267 -8.17 19.56 18.63
N ASP A 268 -7.28 19.47 19.59
CA ASP A 268 -7.18 20.47 20.64
C ASP A 268 -5.67 20.69 20.79
N LEU A 269 -5.28 21.95 20.88
CA LEU A 269 -3.88 22.31 21.03
C LEU A 269 -3.58 22.71 22.48
N GLY A 270 -4.59 22.60 23.33
CA GLY A 270 -4.40 22.96 24.72
C GLY A 270 -5.17 24.19 25.15
N SER A 271 -5.74 24.92 24.21
CA SER A 271 -6.49 26.14 24.52
C SER A 271 -7.97 25.96 24.25
N GLY A 272 -8.33 24.89 23.55
CA GLY A 272 -9.72 24.65 23.23
C GLY A 272 -9.87 23.79 21.99
N MET A 273 -10.74 22.81 22.08
CA MET A 273 -10.97 21.87 20.99
C MET A 273 -11.94 22.33 19.89
N THR A 274 -11.75 21.80 18.69
CA THR A 274 -12.61 22.10 17.54
C THR A 274 -12.81 20.83 16.75
N SER A 275 -13.76 20.83 15.84
CA SER A 275 -13.98 19.65 15.03
C SER A 275 -14.91 19.95 13.88
N VAL A 276 -14.55 19.45 12.69
CA VAL A 276 -15.34 19.64 11.49
C VAL A 276 -15.76 18.34 10.89
N VAL A 277 -16.96 18.34 10.33
CA VAL A 277 -17.55 17.18 9.67
C VAL A 277 -17.77 17.60 8.22
N SER A 278 -17.37 16.72 7.31
CA SER A 278 -17.53 16.99 5.89
C SER A 278 -19.03 17.02 5.50
N ASN A 279 -19.34 17.64 4.36
CA ASN A 279 -20.69 17.69 3.86
C ASN A 279 -21.08 16.36 3.25
N GLN A 280 -20.13 15.71 2.59
CA GLN A 280 -20.40 14.41 1.96
C GLN A 280 -19.91 13.25 2.80
N ASN A 281 -20.47 12.08 2.55
CA ASN A 281 -20.04 10.89 3.26
C ASN A 281 -19.16 10.16 2.24
N HIS A 282 -18.17 9.41 2.72
CA HIS A 282 -17.27 8.74 1.77
C HIS A 282 -17.09 7.25 1.96
N ASN A 283 -18.11 6.58 2.50
CA ASN A 283 -18.04 5.14 2.68
C ASN A 283 -18.83 4.45 1.57
N ASP A 284 -18.39 4.69 0.33
CA ASP A 284 -19.00 4.11 -0.86
C ASP A 284 -18.17 2.96 -1.45
N GLY A 285 -17.19 2.48 -0.68
CA GLY A 285 -16.37 1.38 -1.16
C GLY A 285 -15.27 1.80 -2.11
N LYS A 286 -15.28 3.06 -2.51
CA LYS A 286 -14.28 3.58 -3.42
C LYS A 286 -13.13 4.23 -2.64
N TRP A 287 -11.95 4.31 -3.25
CA TRP A 287 -10.80 4.94 -2.63
C TRP A 287 -10.96 6.46 -2.51
N LYS A 288 -10.58 7.01 -1.37
CA LYS A 288 -10.68 8.44 -1.15
C LYS A 288 -9.32 8.92 -0.71
N ALA A 289 -8.97 10.15 -1.06
CA ALA A 289 -7.69 10.70 -0.66
C ALA A 289 -7.92 11.74 0.42
N PHE A 290 -7.41 11.47 1.61
CA PHE A 290 -7.58 12.41 2.73
C PHE A 290 -6.34 13.27 2.96
N THR A 291 -6.54 14.56 3.23
CA THR A 291 -5.42 15.45 3.49
C THR A 291 -5.74 16.53 4.52
N LEU A 292 -4.96 16.56 5.59
CA LEU A 292 -5.15 17.56 6.60
C LEU A 292 -3.90 18.43 6.60
N SER A 293 -4.10 19.71 6.80
CA SER A 293 -3.00 20.64 6.83
C SER A 293 -3.35 21.66 7.89
N ARG A 294 -2.63 21.59 9.00
CA ARG A 294 -2.87 22.52 10.07
C ARG A 294 -1.68 23.44 10.17
N ILE A 295 -1.96 24.73 10.39
CA ILE A 295 -0.95 25.74 10.57
C ILE A 295 -1.45 26.46 11.81
N GLN A 296 -0.85 26.17 12.96
CA GLN A 296 -1.26 26.79 14.21
C GLN A 296 -2.71 26.40 14.49
N LYS A 297 -3.59 27.37 14.71
CA LYS A 297 -4.99 27.08 15.01
C LYS A 297 -5.85 26.71 13.81
N GLN A 298 -5.41 27.11 12.62
CA GLN A 298 -6.18 26.84 11.40
C GLN A 298 -5.85 25.48 10.75
N ALA A 299 -6.86 24.81 10.22
CA ALA A 299 -6.67 23.51 9.60
C ALA A 299 -7.56 23.27 8.38
N ASN A 300 -6.98 22.84 7.28
CA ASN A 300 -7.76 22.57 6.07
C ASN A 300 -7.91 21.06 5.85
N ILE A 301 -9.14 20.54 5.88
CA ILE A 301 -9.32 19.11 5.63
C ILE A 301 -9.74 18.97 4.16
N SER A 302 -9.22 17.94 3.49
CA SER A 302 -9.54 17.70 2.09
C SER A 302 -9.80 16.21 1.82
N ILE A 303 -10.93 15.90 1.20
CA ILE A 303 -11.26 14.52 0.87
C ILE A 303 -11.46 14.47 -0.64
N VAL A 304 -10.77 13.54 -1.32
CA VAL A 304 -10.90 13.45 -2.76
C VAL A 304 -11.28 12.07 -3.24
N ASP A 305 -12.33 11.97 -4.03
CA ASP A 305 -12.68 10.67 -4.59
C ASP A 305 -11.64 10.45 -5.69
N ILE A 306 -10.72 9.53 -5.45
CA ILE A 306 -9.63 9.27 -6.39
C ILE A 306 -10.00 8.95 -7.85
N ASP A 307 -11.12 8.29 -8.10
CA ASP A 307 -11.49 7.99 -9.49
C ASP A 307 -12.05 9.22 -10.22
N SER A 308 -13.15 9.76 -9.72
CA SER A 308 -13.79 10.91 -10.36
C SER A 308 -13.00 12.19 -10.18
N ASN A 309 -12.06 12.18 -9.23
CA ASN A 309 -11.26 13.36 -8.95
C ASN A 309 -12.05 14.48 -8.29
N GLN A 310 -13.26 14.20 -7.83
CA GLN A 310 -14.06 15.22 -7.16
C GLN A 310 -13.42 15.47 -5.80
N GLU A 311 -13.47 16.69 -5.33
CA GLU A 311 -12.86 17.00 -4.04
C GLU A 311 -13.78 17.77 -3.13
N GLU A 312 -13.69 17.49 -1.83
CA GLU A 312 -14.49 18.19 -0.84
C GLU A 312 -13.50 18.99 -0.02
N ASN A 313 -13.97 20.07 0.59
CA ASN A 313 -13.10 20.90 1.41
C ASN A 313 -13.86 21.49 2.56
N VAL A 314 -13.33 21.28 3.76
CA VAL A 314 -13.92 21.78 4.98
C VAL A 314 -12.75 22.32 5.82
N ALA A 315 -12.95 23.46 6.46
CA ALA A 315 -11.90 24.06 7.28
C ALA A 315 -12.41 24.36 8.67
N THR A 316 -11.49 24.45 9.64
CA THR A 316 -11.88 24.71 11.02
C THR A 316 -10.71 25.36 11.77
N SER A 317 -10.93 25.78 13.01
CA SER A 317 -9.88 26.41 13.81
C SER A 317 -10.01 26.10 15.28
N SER A 318 -8.89 25.78 15.93
CA SER A 318 -8.88 25.49 17.35
C SER A 318 -9.05 26.82 18.07
N SER A 319 -9.61 26.77 19.28
CA SER A 319 -9.86 27.98 20.05
C SER A 319 -8.71 28.32 20.99
N GLY A 320 -8.59 29.61 21.33
CA GLY A 320 -7.56 30.01 22.24
C GLY A 320 -6.28 30.52 21.63
N ASN A 321 -5.20 30.42 22.41
CA ASN A 321 -3.90 30.92 21.97
C ASN A 321 -2.83 29.87 21.67
N ASN A 322 -3.05 28.62 22.04
CA ASN A 322 -2.05 27.59 21.77
C ASN A 322 -1.96 27.29 20.29
N PHE A 323 -0.72 27.20 19.78
CA PHE A 323 -0.49 26.94 18.37
C PHE A 323 0.06 25.55 18.06
N GLY A 324 0.52 24.82 19.07
CA GLY A 324 1.07 23.52 18.78
C GLY A 324 0.38 22.28 19.30
N LEU A 325 0.57 21.19 18.57
CA LEU A 325 0.05 19.88 18.93
C LEU A 325 1.32 19.24 19.46
N ASP A 326 1.65 19.57 20.70
CA ASP A 326 2.87 19.10 21.33
C ASP A 326 2.99 17.63 21.65
N LEU A 327 2.84 16.81 20.62
CA LEU A 327 2.98 15.38 20.79
C LEU A 327 4.43 15.13 21.19
N LYS A 328 4.65 14.30 22.21
CA LYS A 328 6.01 14.03 22.69
C LYS A 328 6.70 12.82 22.07
N ALA A 329 8.01 12.74 22.30
CA ALA A 329 8.85 11.66 21.78
C ALA A 329 8.24 10.28 21.94
N ASP A 330 7.74 9.99 23.14
CA ASP A 330 7.17 8.69 23.42
C ASP A 330 5.68 8.54 23.16
N ASP A 331 5.04 9.55 22.60
CA ASP A 331 3.60 9.45 22.32
C ASP A 331 3.39 8.74 20.99
N LYS A 332 2.40 7.86 20.94
CA LYS A 332 2.10 7.10 19.73
C LYS A 332 0.96 7.66 18.90
N ILE A 333 0.97 7.32 17.61
CA ILE A 333 -0.06 7.74 16.67
C ILE A 333 -0.69 6.42 16.21
N TYR A 334 -2.00 6.29 16.40
CA TYR A 334 -2.71 5.06 16.02
C TYR A 334 -3.59 5.20 14.78
N PHE A 335 -3.82 4.06 14.13
CA PHE A 335 -4.64 3.99 12.93
C PHE A 335 -5.60 2.80 13.02
N GLY A 336 -6.81 2.98 12.51
CA GLY A 336 -7.79 1.90 12.48
C GLY A 336 -8.47 1.51 13.78
N GLY A 337 -7.80 1.72 14.90
CA GLY A 337 -8.36 1.36 16.19
C GLY A 337 -7.39 1.73 17.29
N LEU A 338 -7.64 1.22 18.50
CA LEU A 338 -6.77 1.50 19.63
C LEU A 338 -6.68 0.31 20.57
N PRO A 339 -5.61 0.25 21.37
CA PRO A 339 -5.37 -0.83 22.35
C PRO A 339 -6.13 -0.34 23.58
N THR A 340 -5.95 -0.99 24.72
CA THR A 340 -6.63 -0.50 25.91
C THR A 340 -5.67 0.54 26.48
N LEU A 341 -6.17 1.74 26.76
CA LEU A 341 -5.34 2.82 27.27
C LEU A 341 -5.86 3.28 28.63
N ARG A 342 -4.94 3.55 29.56
CA ARG A 342 -5.31 4.02 30.88
C ARG A 342 -6.23 5.23 30.73
N ASN A 343 -5.82 6.14 29.84
CA ASN A 343 -6.57 7.35 29.59
C ASN A 343 -6.87 7.52 28.11
N LEU A 344 -7.87 8.35 27.81
CA LEU A 344 -8.29 8.56 26.44
C LEU A 344 -9.20 9.76 26.36
N ARG A 345 -8.92 10.64 25.40
CA ARG A 345 -9.71 11.84 25.19
C ARG A 345 -11.19 11.44 25.06
N PRO A 346 -12.06 12.07 25.86
CA PRO A 346 -13.51 11.83 25.91
C PRO A 346 -14.35 12.12 24.68
N GLU A 347 -13.86 12.97 23.78
CA GLU A 347 -14.64 13.33 22.62
C GLU A 347 -14.44 12.45 21.38
N VAL A 348 -13.52 11.49 21.45
CA VAL A 348 -13.23 10.66 20.29
C VAL A 348 -13.92 9.30 20.21
N ASN A 349 -14.39 8.96 19.00
CA ASN A 349 -15.03 7.67 18.74
C ASN A 349 -13.95 6.68 18.37
N VAL A 350 -13.69 5.76 19.28
CA VAL A 350 -12.65 4.76 19.10
C VAL A 350 -13.10 3.46 18.42
N LYS A 351 -14.38 3.38 18.07
CA LYS A 351 -14.91 2.17 17.43
C LYS A 351 -13.95 1.64 16.36
N LYS A 352 -13.56 0.36 16.48
CA LYS A 352 -12.66 -0.24 15.51
C LYS A 352 -13.12 0.07 14.08
N TYR A 353 -12.16 0.19 13.18
CA TYR A 353 -12.44 0.50 11.79
C TYR A 353 -12.45 -0.76 10.93
N SER A 354 -13.38 -0.81 9.99
CA SER A 354 -13.44 -1.90 9.03
C SER A 354 -13.24 -1.19 7.70
N GLY A 355 -12.19 -1.54 6.98
CA GLY A 355 -11.95 -0.88 5.71
C GLY A 355 -10.47 -0.89 5.40
N CYS A 356 -10.10 -0.37 4.23
CA CYS A 356 -8.70 -0.36 3.83
C CYS A 356 -8.01 0.95 4.09
N LEU A 357 -6.69 0.92 4.01
CA LEU A 357 -5.86 2.09 4.24
C LEU A 357 -4.60 1.94 3.41
N LYS A 358 -3.95 3.06 3.12
CA LYS A 358 -2.70 3.05 2.36
C LYS A 358 -2.18 4.46 2.15
N ASP A 359 -0.90 4.56 1.82
CA ASP A 359 -0.25 5.84 1.58
C ASP A 359 -0.33 6.77 2.78
N ILE A 360 -0.09 6.20 3.96
CA ILE A 360 -0.11 6.96 5.20
C ILE A 360 1.18 7.78 5.26
N GLU A 361 1.02 9.09 5.44
CA GLU A 361 2.16 10.00 5.50
C GLU A 361 1.91 11.05 6.58
N ILE A 362 2.86 11.21 7.49
CA ILE A 362 2.73 12.18 8.58
C ILE A 362 4.01 13.00 8.72
N SER A 363 3.86 14.33 8.73
CA SER A 363 5.00 15.22 8.85
C SER A 363 5.98 14.91 7.72
N ARG A 364 5.46 14.77 6.51
CA ARG A 364 6.31 14.49 5.36
C ARG A 364 6.99 13.12 5.43
N THR A 365 6.67 12.35 6.47
CA THR A 365 7.26 11.01 6.64
C THR A 365 6.29 9.86 6.35
N PRO A 366 6.62 9.02 5.36
CA PRO A 366 5.80 7.87 4.94
C PRO A 366 5.84 6.73 5.95
N TYR A 367 4.72 6.04 6.12
CA TYR A 367 4.66 4.89 7.02
C TYR A 367 3.99 3.69 6.39
N ASN A 368 4.52 2.51 6.71
CA ASN A 368 3.96 1.29 6.20
C ASN A 368 3.63 0.45 7.42
N ILE A 369 2.34 0.33 7.72
CA ILE A 369 1.89 -0.42 8.87
C ILE A 369 2.42 -1.84 8.87
N LEU A 370 2.52 -2.47 7.70
CA LEU A 370 3.03 -3.83 7.63
C LEU A 370 4.49 -3.97 8.09
N SER A 371 5.21 -2.86 8.18
CA SER A 371 6.59 -2.87 8.63
C SER A 371 6.61 -2.68 10.12
N SER A 372 5.45 -2.30 10.64
CA SER A 372 5.27 -2.07 12.07
C SER A 372 5.44 -3.39 12.79
N PRO A 373 5.89 -3.35 14.05
CA PRO A 373 6.08 -4.58 14.82
C PRO A 373 4.98 -4.92 15.83
N ASP A 374 4.11 -3.95 16.11
CA ASP A 374 3.08 -4.17 17.13
C ASP A 374 1.62 -3.93 16.75
N TYR A 375 1.28 -4.12 15.48
CA TYR A 375 -0.11 -3.92 15.07
C TYR A 375 -0.94 -5.20 15.27
N VAL A 376 -2.26 -5.07 15.29
CA VAL A 376 -3.11 -6.23 15.50
C VAL A 376 -4.31 -6.25 14.55
N GLY A 377 -4.72 -7.45 14.16
CA GLY A 377 -5.87 -7.60 13.28
C GLY A 377 -5.85 -6.75 12.03
N VAL A 378 -4.82 -6.93 11.21
CA VAL A 378 -4.65 -6.19 9.97
C VAL A 378 -4.21 -7.19 8.91
N THR A 379 -4.68 -7.01 7.68
CA THR A 379 -4.31 -7.91 6.60
C THR A 379 -3.78 -7.08 5.43
N LYS A 380 -2.76 -7.59 4.75
CA LYS A 380 -2.18 -6.89 3.61
C LYS A 380 -3.20 -6.86 2.48
N GLY A 381 -3.19 -5.78 1.71
CA GLY A 381 -4.10 -5.67 0.60
C GLY A 381 -5.43 -5.02 0.89
N CYS A 382 -6.34 -5.13 -0.07
CA CYS A 382 -7.67 -4.58 0.04
C CYS A 382 -8.63 -5.39 -0.81
N SER A 383 -9.74 -5.81 -0.21
CA SER A 383 -10.76 -6.60 -0.91
C SER A 383 -12.13 -6.21 -0.40
N LEU A 384 -12.77 -5.28 -1.12
CA LEU A 384 -14.10 -4.80 -0.76
C LEU A 384 -15.00 -4.88 -1.98
N GLU A 385 -15.87 -5.88 -2.04
CA GLU A 385 -16.73 -6.01 -3.20
C GLU A 385 -18.11 -5.41 -3.01
N ASN A 386 -18.86 -5.91 -2.04
CA ASN A 386 -20.20 -5.41 -1.78
C ASN A 386 -20.54 -5.58 -0.31
N VAL A 387 -21.71 -5.10 0.09
CA VAL A 387 -22.11 -5.21 1.48
C VAL A 387 -23.02 -6.39 1.73
N TYR A 388 -23.19 -7.24 0.72
CA TYR A 388 -24.04 -8.41 0.86
C TYR A 388 -23.23 -9.68 0.99
N THR A 389 -21.93 -9.52 1.16
CA THR A 389 -21.03 -10.66 1.30
C THR A 389 -20.22 -10.59 2.58
N VAL A 390 -20.05 -11.75 3.22
CA VAL A 390 -19.24 -11.83 4.44
C VAL A 390 -18.45 -13.14 4.40
N SER A 391 -17.36 -13.20 5.16
CA SER A 391 -16.54 -14.40 5.20
C SER A 391 -15.86 -14.45 6.56
N PHE A 392 -15.68 -15.66 7.08
CA PHE A 392 -15.07 -15.84 8.38
C PHE A 392 -13.76 -16.62 8.28
N PRO A 393 -12.65 -15.98 8.70
CA PRO A 393 -11.30 -16.54 8.68
C PRO A 393 -11.12 -17.50 9.86
N LYS A 394 -11.60 -17.04 11.02
CA LYS A 394 -11.54 -17.79 12.26
C LYS A 394 -13.01 -17.96 12.72
N PRO A 395 -13.27 -18.87 13.67
CA PRO A 395 -14.66 -19.02 14.08
C PRO A 395 -15.26 -17.68 14.47
N GLY A 396 -16.23 -17.22 13.69
CA GLY A 396 -16.87 -15.95 13.97
C GLY A 396 -18.37 -15.92 13.69
N PHE A 397 -18.95 -14.72 13.82
CA PHE A 397 -20.38 -14.55 13.59
C PHE A 397 -20.72 -13.09 13.24
N VAL A 398 -21.95 -12.89 12.75
CA VAL A 398 -22.46 -11.56 12.40
C VAL A 398 -23.90 -11.51 12.88
N GLU A 399 -24.23 -10.52 13.70
CA GLU A 399 -25.60 -10.41 14.20
C GLU A 399 -26.40 -9.44 13.34
N LEU A 400 -27.57 -9.89 12.89
CA LEU A 400 -28.47 -9.09 12.08
C LEU A 400 -29.76 -8.83 12.84
N ALA A 401 -30.48 -7.79 12.47
CA ALA A 401 -31.73 -7.44 13.13
C ALA A 401 -32.75 -8.58 13.00
N ALA A 402 -33.30 -9.00 14.14
CA ALA A 402 -34.28 -10.09 14.20
C ALA A 402 -35.35 -10.10 13.11
N VAL A 403 -35.58 -11.28 12.55
CA VAL A 403 -36.59 -11.43 11.52
C VAL A 403 -37.29 -12.75 11.78
N SER A 404 -38.61 -12.70 11.90
CA SER A 404 -39.40 -13.90 12.17
C SER A 404 -39.91 -14.52 10.89
N ILE A 405 -40.10 -15.83 10.91
CA ILE A 405 -40.60 -16.53 9.75
C ILE A 405 -42.09 -16.74 9.93
N ASP A 406 -42.88 -16.14 9.04
CA ASP A 406 -44.34 -16.28 9.09
C ASP A 406 -44.76 -17.22 7.98
N VAL A 407 -46.04 -17.51 7.93
CA VAL A 407 -46.57 -18.39 6.88
C VAL A 407 -46.45 -17.65 5.55
N GLY A 408 -45.65 -18.19 4.65
CA GLY A 408 -45.46 -17.59 3.34
C GLY A 408 -44.07 -16.99 3.17
N THR A 409 -43.26 -17.10 4.23
CA THR A 409 -41.91 -16.55 4.22
C THR A 409 -40.91 -17.37 3.43
N GLU A 410 -39.90 -16.68 2.92
CA GLU A 410 -38.83 -17.32 2.17
C GLU A 410 -37.47 -16.91 2.71
N ILE A 411 -36.48 -17.75 2.45
CA ILE A 411 -35.10 -17.50 2.85
C ILE A 411 -34.20 -17.92 1.70
N ASN A 412 -33.41 -17.00 1.18
CA ASN A 412 -32.51 -17.34 0.10
C ASN A 412 -31.12 -16.85 0.46
N LEU A 413 -30.11 -17.69 0.26
CA LEU A 413 -28.73 -17.33 0.55
C LEU A 413 -27.77 -18.20 -0.22
N SER A 414 -26.48 -17.91 -0.09
CA SER A 414 -25.44 -18.68 -0.75
C SER A 414 -24.32 -18.82 0.27
N PHE A 415 -23.63 -19.96 0.25
CA PHE A 415 -22.56 -20.21 1.19
C PHE A 415 -21.51 -21.10 0.55
N SER A 416 -20.34 -21.18 1.19
CA SER A 416 -19.25 -22.00 0.68
C SER A 416 -18.20 -22.17 1.77
N THR A 417 -18.23 -23.32 2.43
CA THR A 417 -17.30 -23.64 3.50
C THR A 417 -16.64 -24.96 3.11
N ARG A 418 -15.67 -25.38 3.91
CA ARG A 418 -14.99 -26.64 3.68
C ARG A 418 -15.01 -27.40 5.00
N ASN A 419 -15.94 -27.01 5.86
CA ASN A 419 -16.10 -27.62 7.17
C ASN A 419 -17.48 -28.26 7.30
N GLU A 420 -17.52 -29.57 7.12
CA GLU A 420 -18.76 -30.33 7.21
C GLU A 420 -19.71 -29.82 8.29
N SER A 421 -19.17 -29.39 9.42
CA SER A 421 -20.01 -28.89 10.52
C SER A 421 -19.88 -27.39 10.78
N GLY A 422 -20.94 -26.65 10.46
CA GLY A 422 -20.94 -25.22 10.68
C GLY A 422 -22.29 -24.58 10.50
N ILE A 423 -22.71 -23.79 11.48
CA ILE A 423 -23.98 -23.09 11.42
C ILE A 423 -23.91 -21.96 10.38
N ILE A 424 -24.87 -21.94 9.46
CA ILE A 424 -24.92 -20.95 8.39
C ILE A 424 -25.84 -19.77 8.70
N LEU A 425 -27.00 -20.06 9.28
CA LEU A 425 -27.97 -19.04 9.64
C LEU A 425 -28.64 -19.46 10.95
N LEU A 426 -29.12 -18.50 11.75
CA LEU A 426 -29.76 -18.85 13.02
C LEU A 426 -30.48 -17.69 13.72
N GLY A 427 -31.71 -17.94 14.16
CA GLY A 427 -32.47 -16.92 14.86
C GLY A 427 -32.66 -17.33 16.30
N SER A 428 -32.08 -16.57 17.25
CA SER A 428 -32.13 -16.85 18.69
C SER A 428 -31.78 -18.28 18.99
N GLN A 432 -36.90 -20.41 23.30
CA GLN A 432 -37.86 -21.46 22.95
C GLN A 432 -37.93 -21.69 21.44
N ALA A 433 -38.42 -20.70 20.71
CA ALA A 433 -38.55 -20.78 19.24
C ALA A 433 -37.23 -20.42 18.57
N TYR A 434 -37.03 -20.95 17.36
CA TYR A 434 -35.81 -20.68 16.63
C TYR A 434 -35.85 -21.29 15.22
N TYR A 435 -34.91 -20.91 14.37
CA TYR A 435 -34.84 -21.48 13.03
C TYR A 435 -33.38 -21.51 12.62
N ALA A 436 -32.99 -22.48 11.79
CA ALA A 436 -31.59 -22.55 11.43
C ALA A 436 -31.25 -23.36 10.19
N ILE A 437 -30.25 -22.88 9.46
CA ILE A 437 -29.74 -23.53 8.27
C ILE A 437 -28.30 -23.85 8.64
N PHE A 438 -27.95 -25.12 8.73
CA PHE A 438 -26.58 -25.45 9.11
C PHE A 438 -26.07 -26.76 8.59
N LEU A 439 -24.78 -26.78 8.29
CA LEU A 439 -24.12 -27.97 7.79
C LEU A 439 -23.84 -28.82 9.03
N ASN A 440 -24.07 -30.12 8.90
CA ASN A 440 -23.81 -31.05 10.01
C ASN A 440 -23.18 -32.35 9.52
N LYS A 441 -21.86 -32.43 9.68
CA LYS A 441 -21.11 -33.61 9.27
C LYS A 441 -21.46 -33.97 7.83
N GLY A 442 -21.66 -32.94 7.00
CA GLY A 442 -21.99 -33.14 5.60
C GLY A 442 -23.45 -32.86 5.28
N ARG A 443 -24.32 -33.18 6.23
CA ARG A 443 -25.76 -32.99 6.05
C ARG A 443 -26.08 -31.51 6.22
N LEU A 444 -27.15 -31.05 5.59
CA LEU A 444 -27.55 -29.65 5.71
C LEU A 444 -28.90 -29.61 6.39
N GLU A 445 -28.90 -29.39 7.70
CA GLU A 445 -30.16 -29.32 8.43
C GLU A 445 -30.84 -27.96 8.26
N VAL A 446 -32.11 -27.92 8.63
CA VAL A 446 -32.93 -26.71 8.56
C VAL A 446 -33.97 -26.92 9.65
N HIS A 447 -33.96 -26.08 10.67
CA HIS A 447 -34.90 -26.24 11.76
C HIS A 447 -35.87 -25.11 11.92
N LEU A 448 -37.11 -25.46 12.22
CA LEU A 448 -38.18 -24.52 12.48
C LEU A 448 -38.91 -25.02 13.73
N SER A 449 -39.27 -24.12 14.63
CA SER A 449 -39.98 -24.50 15.86
C SER A 449 -40.51 -23.28 16.59
N SER A 450 -41.27 -23.49 17.66
CA SER A 450 -41.84 -22.40 18.43
C SER A 450 -42.50 -22.86 19.73
N MET A 455 -41.14 -28.95 16.97
CA MET A 455 -39.93 -28.60 16.23
C MET A 455 -39.75 -29.53 15.04
N ARG A 456 -40.09 -29.03 13.86
CA ARG A 456 -39.96 -29.81 12.63
C ARG A 456 -38.63 -29.43 11.96
N LYS A 457 -38.15 -30.29 11.07
CA LYS A 457 -36.90 -29.98 10.38
C LYS A 457 -36.57 -30.94 9.25
N ILE A 458 -35.86 -30.44 8.26
CA ILE A 458 -35.46 -31.23 7.10
C ILE A 458 -33.95 -31.45 7.10
N VAL A 459 -33.51 -32.57 6.54
CA VAL A 459 -32.08 -32.88 6.49
C VAL A 459 -31.71 -33.52 5.15
N ILE A 460 -30.96 -32.77 4.34
CA ILE A 460 -30.53 -33.24 3.03
C ILE A 460 -29.10 -33.77 3.04
N LYS A 461 -28.94 -35.00 2.53
CA LYS A 461 -27.64 -35.64 2.45
C LYS A 461 -27.12 -35.43 1.02
N PRO A 462 -25.98 -34.78 0.86
CA PRO A 462 -25.47 -34.56 -0.50
C PRO A 462 -25.20 -35.86 -1.27
N GLU A 463 -25.29 -35.77 -2.59
CA GLU A 463 -25.05 -36.92 -3.47
C GLU A 463 -24.40 -36.43 -4.76
N PRO A 464 -23.31 -37.09 -5.16
CA PRO A 464 -22.57 -36.73 -6.36
C PRO A 464 -21.61 -35.56 -6.08
N ASN A 465 -21.77 -34.94 -4.91
CA ASN A 465 -20.93 -33.83 -4.53
C ASN A 465 -21.22 -33.39 -3.11
N ARG A 466 -20.18 -33.02 -2.36
CA ARG A 466 -20.36 -32.56 -0.98
C ARG A 466 -20.83 -31.10 -0.96
N PHE A 467 -21.17 -30.63 0.24
CA PHE A 467 -21.61 -29.25 0.41
C PHE A 467 -20.42 -28.42 0.88
N HIS A 468 -19.71 -28.92 1.89
CA HIS A 468 -18.53 -28.23 2.39
C HIS A 468 -17.37 -28.51 1.45
N ASP A 469 -17.66 -28.39 0.16
CA ASP A 469 -16.67 -28.63 -0.88
C ASP A 469 -16.05 -27.35 -1.45
N GLY A 470 -16.17 -26.26 -0.69
CA GLY A 470 -15.60 -25.00 -1.11
C GLY A 470 -16.17 -24.30 -2.33
N ARG A 471 -17.20 -24.84 -2.97
CA ARG A 471 -17.77 -24.16 -4.14
C ARG A 471 -19.15 -23.64 -3.82
N GLU A 472 -19.65 -22.73 -4.64
CA GLU A 472 -20.95 -22.12 -4.42
C GLU A 472 -22.09 -23.10 -4.17
N HIS A 473 -23.01 -22.68 -3.31
CA HIS A 473 -24.19 -23.46 -2.95
C HIS A 473 -25.28 -22.48 -2.49
N SER A 474 -26.46 -22.59 -3.10
CA SER A 474 -27.59 -21.72 -2.76
C SER A 474 -28.73 -22.48 -2.10
N VAL A 475 -29.18 -21.98 -0.96
CA VAL A 475 -30.27 -22.60 -0.21
C VAL A 475 -31.56 -21.81 -0.38
N HIS A 476 -32.69 -22.50 -0.36
CA HIS A 476 -34.00 -21.87 -0.48
C HIS A 476 -34.92 -22.49 0.59
N VAL A 477 -35.63 -21.64 1.33
CA VAL A 477 -36.52 -22.16 2.34
C VAL A 477 -37.81 -21.37 2.30
N GLU A 478 -38.94 -22.06 2.17
CA GLU A 478 -40.22 -21.38 2.14
C GLU A 478 -41.30 -22.08 2.96
N ARG A 479 -41.76 -21.40 3.99
CA ARG A 479 -42.79 -21.90 4.86
C ARG A 479 -44.12 -21.39 4.35
N THR A 480 -44.99 -22.31 3.93
CA THR A 480 -46.32 -21.95 3.45
C THR A 480 -47.29 -22.48 4.50
N ARG A 481 -48.53 -22.77 4.12
CA ARG A 481 -49.50 -23.28 5.09
C ARG A 481 -49.32 -24.78 5.36
N GLY A 482 -49.24 -25.11 6.65
CA GLY A 482 -49.07 -26.49 7.09
C GLY A 482 -47.82 -27.18 6.58
N ILE A 483 -46.99 -26.45 5.82
CA ILE A 483 -45.78 -27.00 5.24
C ILE A 483 -44.63 -26.01 5.23
N PHE A 484 -43.44 -26.51 4.92
CA PHE A 484 -42.24 -25.70 4.81
C PHE A 484 -41.32 -26.47 3.88
N THR A 485 -40.52 -25.76 3.09
CA THR A 485 -39.65 -26.41 2.14
C THR A 485 -38.21 -25.92 2.14
N VAL A 486 -37.33 -26.73 1.55
CA VAL A 486 -35.91 -26.43 1.43
C VAL A 486 -35.44 -27.00 0.11
N GLN A 487 -34.52 -26.31 -0.55
CA GLN A 487 -33.99 -26.77 -1.82
C GLN A 487 -32.62 -26.14 -2.05
N ILE A 488 -31.60 -26.99 -2.18
CA ILE A 488 -30.25 -26.52 -2.38
C ILE A 488 -29.86 -26.65 -3.85
N ASP A 489 -29.12 -25.68 -4.36
CA ASP A 489 -28.67 -25.66 -5.75
C ASP A 489 -29.60 -26.43 -6.68
N GLU A 490 -30.86 -26.02 -6.74
CA GLU A 490 -31.86 -26.67 -7.61
C GLU A 490 -31.80 -28.21 -7.71
N ASP A 491 -32.21 -28.88 -6.64
CA ASP A 491 -32.24 -30.35 -6.61
C ASP A 491 -33.61 -30.80 -6.11
N ARG A 492 -33.63 -31.81 -5.24
CA ARG A 492 -34.90 -32.32 -4.71
C ARG A 492 -35.43 -31.41 -3.60
N ARG A 493 -36.43 -30.60 -3.92
CA ARG A 493 -37.02 -29.71 -2.93
C ARG A 493 -37.69 -30.57 -1.87
N HIS A 494 -37.03 -30.74 -0.74
CA HIS A 494 -37.60 -31.53 0.34
C HIS A 494 -38.83 -30.86 0.95
N MET A 495 -39.61 -31.63 1.68
CA MET A 495 -40.81 -31.09 2.31
C MET A 495 -40.97 -31.61 3.72
N GLN A 496 -41.75 -30.92 4.54
CA GLN A 496 -41.94 -31.31 5.92
C GLN A 496 -43.17 -30.61 6.49
N ASN A 497 -43.88 -31.28 7.38
CA ASN A 497 -45.08 -30.69 7.96
C ASN A 497 -44.72 -29.61 8.96
N LEU A 498 -45.67 -28.71 9.21
CA LEU A 498 -45.49 -27.62 10.16
C LEU A 498 -46.89 -27.03 10.38
N THR A 499 -47.82 -27.91 10.77
CA THR A 499 -49.20 -27.52 11.01
C THR A 499 -49.34 -26.45 12.09
N GLU A 500 -48.90 -25.25 11.75
CA GLU A 500 -48.97 -24.08 12.64
C GLU A 500 -49.14 -22.87 11.74
N GLU A 501 -49.69 -21.80 12.30
CA GLU A 501 -49.86 -20.59 11.51
C GLU A 501 -49.23 -19.39 12.20
N GLN A 502 -49.06 -19.51 13.50
CA GLN A 502 -48.43 -18.46 14.27
C GLN A 502 -47.02 -18.32 13.72
N PRO A 503 -46.51 -17.07 13.63
CA PRO A 503 -45.17 -16.82 13.10
C PRO A 503 -44.10 -17.10 14.18
N ILE A 504 -43.07 -17.85 13.81
CA ILE A 504 -41.98 -18.20 14.73
C ILE A 504 -40.98 -17.06 14.88
N GLU A 505 -41.15 -16.28 15.95
CA GLU A 505 -40.33 -15.11 16.22
C GLU A 505 -39.12 -15.37 17.09
N VAL A 506 -38.02 -14.68 16.78
CA VAL A 506 -36.78 -14.82 17.53
C VAL A 506 -36.30 -13.45 17.98
N LYS A 507 -35.34 -13.44 18.91
CA LYS A 507 -34.79 -12.18 19.43
C LYS A 507 -33.56 -11.70 18.68
N LYS A 508 -32.73 -12.64 18.24
CA LYS A 508 -31.52 -12.30 17.50
C LYS A 508 -31.35 -13.15 16.22
N LEU A 509 -30.68 -12.58 15.22
CA LEU A 509 -30.44 -13.28 13.96
C LEU A 509 -28.92 -13.34 13.72
N PHE A 510 -28.42 -14.49 13.31
CA PHE A 510 -26.99 -14.61 13.10
C PHE A 510 -26.61 -15.32 11.83
N VAL A 511 -25.41 -14.98 11.33
CA VAL A 511 -24.83 -15.60 10.15
C VAL A 511 -23.47 -16.10 10.63
N GLY A 512 -23.07 -17.30 10.20
CA GLY A 512 -21.78 -17.82 10.61
C GLY A 512 -21.74 -18.59 11.93
N GLY A 513 -22.47 -18.12 12.92
CA GLY A 513 -22.50 -18.77 14.22
C GLY A 513 -23.20 -17.87 15.19
N ALA A 514 -22.81 -17.91 16.46
CA ALA A 514 -23.43 -17.04 17.46
C ALA A 514 -22.92 -17.37 18.84
N PRO A 515 -23.02 -16.42 19.78
CA PRO A 515 -22.55 -16.67 21.15
C PRO A 515 -23.44 -17.72 21.86
N PRO A 516 -22.83 -18.67 22.60
CA PRO A 516 -23.62 -19.69 23.30
C PRO A 516 -24.55 -19.12 24.36
N ASN A 525 -24.14 -27.68 20.68
CA ASN A 525 -22.69 -27.71 20.59
C ASN A 525 -22.25 -28.36 19.27
N ILE A 526 -22.13 -27.52 18.24
CA ILE A 526 -21.71 -27.96 16.92
C ILE A 526 -20.59 -27.03 16.44
N PRO A 527 -19.61 -27.56 15.70
CA PRO A 527 -18.47 -26.78 15.18
C PRO A 527 -18.84 -25.42 14.60
N ALA A 528 -17.83 -24.56 14.46
CA ALA A 528 -18.01 -23.22 13.93
C ALA A 528 -18.03 -23.24 12.39
N PHE A 529 -18.66 -22.23 11.80
CA PHE A 529 -18.73 -22.15 10.36
C PHE A 529 -17.53 -21.37 9.83
N GLN A 530 -16.96 -21.84 8.72
CA GLN A 530 -15.83 -21.16 8.11
C GLN A 530 -15.83 -21.27 6.59
N GLY A 531 -16.06 -20.12 5.96
CA GLY A 531 -16.13 -19.98 4.51
C GLY A 531 -16.82 -18.64 4.37
N CYS A 532 -17.69 -18.47 3.38
CA CYS A 532 -18.38 -17.20 3.28
C CYS A 532 -19.84 -17.34 2.86
N VAL A 533 -20.69 -16.46 3.38
CA VAL A 533 -22.12 -16.44 3.09
C VAL A 533 -22.51 -15.13 2.39
N TRP A 534 -23.36 -15.23 1.38
CA TRP A 534 -23.74 -13.99 0.70
C TRP A 534 -25.13 -13.95 0.09
N ASN A 535 -25.58 -12.73 -0.20
CA ASN A 535 -26.89 -12.47 -0.79
C ASN A 535 -28.04 -13.05 0.01
N LEU A 536 -28.02 -12.83 1.33
CA LEU A 536 -29.05 -13.31 2.22
C LEU A 536 -30.33 -12.51 2.06
N VAL A 537 -31.43 -13.21 1.77
CA VAL A 537 -32.74 -12.58 1.59
C VAL A 537 -33.81 -13.28 2.43
N ILE A 538 -34.52 -12.51 3.24
CA ILE A 538 -35.59 -13.04 4.08
C ILE A 538 -36.80 -12.10 3.94
N ASN A 539 -37.98 -12.67 3.77
CA ASN A 539 -39.20 -11.88 3.58
C ASN A 539 -39.00 -10.79 2.52
N SER A 540 -38.42 -11.19 1.39
CA SER A 540 -38.19 -10.29 0.25
C SER A 540 -37.28 -9.11 0.51
N ILE A 541 -36.60 -9.09 1.66
CA ILE A 541 -35.73 -7.99 2.02
C ILE A 541 -34.26 -8.40 2.04
N PRO A 542 -33.42 -7.81 1.16
CA PRO A 542 -32.00 -8.19 1.18
C PRO A 542 -31.33 -7.78 2.49
N MET A 543 -30.66 -8.74 3.12
CA MET A 543 -29.99 -8.51 4.39
C MET A 543 -28.52 -8.15 4.20
N ASP A 544 -28.19 -6.87 4.34
CA ASP A 544 -26.81 -6.45 4.17
C ASP A 544 -25.99 -6.51 5.46
N PHE A 545 -24.68 -6.37 5.30
CA PHE A 545 -23.75 -6.39 6.42
C PHE A 545 -23.06 -5.03 6.52
N ALA A 546 -23.66 -4.01 5.90
CA ALA A 546 -23.08 -2.66 5.95
C ALA A 546 -22.74 -2.31 7.39
N GLN A 547 -23.72 -2.42 8.28
CA GLN A 547 -23.48 -2.14 9.68
C GLN A 547 -24.24 -3.10 10.61
N PRO A 548 -23.65 -4.29 10.87
CA PRO A 548 -24.27 -5.29 11.73
C PRO A 548 -24.44 -4.79 13.15
N ILE A 549 -25.36 -5.40 13.90
CA ILE A 549 -25.61 -5.01 15.28
C ILE A 549 -24.42 -5.46 16.12
N ALA A 550 -23.75 -6.51 15.66
CA ALA A 550 -22.58 -7.05 16.33
C ALA A 550 -21.85 -8.00 15.39
N PHE A 551 -20.68 -8.49 15.82
CA PHE A 551 -19.91 -9.41 14.99
C PHE A 551 -18.63 -9.81 15.72
N LYS A 552 -17.93 -10.81 15.17
CA LYS A 552 -16.66 -11.28 15.71
C LYS A 552 -15.98 -12.07 14.60
N ASN A 553 -14.83 -11.58 14.16
CA ASN A 553 -14.08 -12.23 13.11
C ASN A 553 -14.89 -12.32 11.83
N ALA A 554 -15.48 -11.18 11.46
CA ALA A 554 -16.28 -11.09 10.26
C ALA A 554 -15.56 -10.27 9.19
N ASP A 555 -15.14 -10.93 8.11
CA ASP A 555 -14.48 -10.23 7.03
C ASP A 555 -15.57 -9.77 6.09
N ILE A 556 -16.31 -8.77 6.51
CA ILE A 556 -17.41 -8.26 5.72
C ILE A 556 -16.92 -7.56 4.46
N GLY A 557 -17.63 -7.82 3.37
CA GLY A 557 -17.30 -7.20 2.10
C GLY A 557 -16.74 -8.08 1.01
N ARG A 558 -16.39 -9.32 1.32
CA ARG A 558 -15.82 -10.19 0.30
C ARG A 558 -15.60 -11.61 0.77
N CYS A 559 -15.39 -12.51 -0.18
CA CYS A 559 -15.14 -13.91 0.14
C CYS A 559 -13.64 -14.17 0.05
N THR A 560 -12.98 -14.19 1.21
CA THR A 560 -11.54 -14.42 1.27
C THR A 560 -11.17 -15.83 0.78
N TYR A 561 -11.59 -16.22 -0.34
#